data_2M9N
#
_entry.id   2M9N
#
_entity_poly.entity_id   1
_entity_poly.type   'polypeptide(L)'
_entity_poly.pdbx_seq_one_letter_code
;GSSEPSLLRTVQQIPGVGKVKAPLLLQKFPSIQQLSNASIGELEQVVGQAVAQQIHAFFTQPR
;
_entity_poly.pdbx_strand_id   A
#
# COMPACT_ATOMS: atom_id res chain seq x y z
N SER A 3 4.18 11.19 -18.37
CA SER A 3 5.45 10.53 -18.66
C SER A 3 5.72 9.41 -17.65
N GLU A 4 5.56 9.72 -16.37
CA GLU A 4 5.78 8.73 -15.32
C GLU A 4 4.46 8.08 -14.90
N PRO A 5 4.52 6.86 -14.45
CA PRO A 5 3.31 6.11 -14.00
C PRO A 5 2.78 6.65 -12.67
N SER A 6 1.52 7.08 -12.67
CA SER A 6 0.91 7.61 -11.45
C SER A 6 0.44 6.48 -10.54
N LEU A 7 0.27 5.29 -11.10
CA LEU A 7 -0.17 4.14 -10.32
C LEU A 7 0.47 4.14 -8.94
N LEU A 8 1.66 4.71 -8.83
CA LEU A 8 2.37 4.77 -7.55
C LEU A 8 1.87 5.95 -6.75
N ARG A 9 1.68 7.08 -7.42
CA ARG A 9 1.19 8.28 -6.78
C ARG A 9 -0.32 8.14 -6.60
N THR A 10 -0.89 7.19 -7.34
CA THR A 10 -2.32 6.94 -7.29
C THR A 10 -2.65 6.00 -6.15
N VAL A 11 -1.89 4.91 -6.05
CA VAL A 11 -2.12 3.93 -5.00
C VAL A 11 -1.82 4.52 -3.62
N GLN A 12 -0.71 5.22 -3.51
CA GLN A 12 -0.34 5.84 -2.23
C GLN A 12 -1.52 6.62 -1.65
N GLN A 13 -2.46 7.00 -2.51
CA GLN A 13 -3.63 7.75 -2.07
C GLN A 13 -4.70 6.80 -1.53
N ILE A 14 -4.36 5.51 -1.51
CA ILE A 14 -5.29 4.49 -1.02
C ILE A 14 -5.53 4.66 0.47
N PRO A 15 -6.77 4.67 0.90
CA PRO A 15 -7.09 4.80 2.34
C PRO A 15 -6.71 3.54 3.10
N GLY A 16 -5.97 3.70 4.19
CA GLY A 16 -5.53 2.57 4.98
C GLY A 16 -4.01 2.52 5.05
N VAL A 17 -3.36 2.58 3.89
CA VAL A 17 -1.90 2.55 3.85
C VAL A 17 -1.33 3.56 4.84
N GLY A 18 -1.83 4.78 4.77
CA GLY A 18 -1.36 5.84 5.65
C GLY A 18 -0.16 6.56 5.05
N LYS A 19 -0.43 7.52 4.16
CA LYS A 19 0.65 8.27 3.53
C LYS A 19 1.69 8.61 4.60
N VAL A 20 1.25 8.56 5.85
CA VAL A 20 2.12 8.84 6.98
C VAL A 20 3.15 7.73 7.14
N LYS A 21 2.68 6.50 7.03
CA LYS A 21 3.54 5.34 7.16
C LYS A 21 4.19 4.99 5.83
N ALA A 22 3.60 5.50 4.74
CA ALA A 22 4.13 5.24 3.41
C ALA A 22 5.66 5.19 3.45
N PRO A 23 6.28 6.25 3.88
CA PRO A 23 7.77 6.32 3.97
C PRO A 23 8.32 5.43 5.08
N LEU A 24 7.52 5.24 6.12
CA LEU A 24 7.93 4.41 7.24
C LEU A 24 7.96 2.95 6.82
N LEU A 25 6.81 2.48 6.36
CA LEU A 25 6.68 1.10 5.93
C LEU A 25 7.50 0.85 4.67
N LEU A 26 7.81 1.91 3.96
CA LEU A 26 8.61 1.79 2.74
C LEU A 26 10.04 1.40 3.09
N GLN A 27 10.58 2.01 4.14
CA GLN A 27 11.94 1.70 4.57
C GLN A 27 12.17 0.20 4.52
N LYS A 28 11.09 -0.56 4.70
CA LYS A 28 11.19 -2.02 4.68
C LYS A 28 10.74 -2.58 3.32
N PHE A 29 10.05 -1.77 2.53
CA PHE A 29 9.58 -2.21 1.23
C PHE A 29 9.99 -1.22 0.14
N PRO A 30 10.14 -1.70 -1.08
CA PRO A 30 10.53 -0.85 -2.24
C PRO A 30 9.89 0.52 -2.21
N SER A 31 8.61 0.60 -2.58
CA SER A 31 7.91 1.87 -2.59
C SER A 31 6.40 1.66 -2.63
N ILE A 32 5.65 2.72 -2.36
CA ILE A 32 4.19 2.66 -2.34
C ILE A 32 3.69 1.78 -3.48
N GLN A 33 4.55 1.50 -4.45
CA GLN A 33 4.17 0.65 -5.57
C GLN A 33 4.07 -0.79 -5.06
N GLN A 34 5.18 -1.28 -4.52
CA GLN A 34 5.23 -2.63 -3.97
C GLN A 34 4.77 -2.61 -2.52
N LEU A 35 5.12 -1.54 -1.81
CA LEU A 35 4.75 -1.39 -0.41
C LEU A 35 3.26 -1.68 -0.22
N SER A 36 2.44 -1.01 -1.01
CA SER A 36 0.99 -1.21 -0.92
C SER A 36 0.62 -2.66 -1.23
N ASN A 37 1.57 -3.41 -1.78
CA ASN A 37 1.33 -4.80 -2.13
C ASN A 37 2.09 -5.74 -1.20
N ALA A 38 2.64 -5.18 -0.13
CA ALA A 38 3.39 -5.99 0.83
C ALA A 38 2.52 -7.12 1.38
N SER A 39 3.14 -8.23 1.73
CA SER A 39 2.40 -9.37 2.26
C SER A 39 1.37 -8.92 3.29
N ILE A 40 0.17 -9.48 3.21
CA ILE A 40 -0.90 -9.13 4.13
C ILE A 40 -0.43 -9.25 5.58
N GLY A 41 0.14 -10.41 5.90
CA GLY A 41 0.64 -10.65 7.26
C GLY A 41 1.41 -9.45 7.78
N GLU A 42 2.13 -8.78 6.89
CA GLU A 42 2.92 -7.61 7.28
C GLU A 42 2.04 -6.36 7.35
N LEU A 43 1.45 -6.00 6.22
CA LEU A 43 0.58 -4.81 6.17
C LEU A 43 -0.50 -4.89 7.24
N GLU A 44 -0.95 -6.11 7.55
CA GLU A 44 -2.00 -6.30 8.55
C GLU A 44 -1.45 -6.03 9.96
N GLN A 45 -0.47 -6.83 10.34
CA GLN A 45 0.14 -6.67 11.66
C GLN A 45 0.86 -5.35 11.71
N VAL A 46 0.69 -4.55 10.66
CA VAL A 46 1.34 -3.25 10.58
C VAL A 46 0.34 -2.12 10.75
N VAL A 47 -0.87 -2.27 10.22
CA VAL A 47 -1.86 -1.20 10.35
C VAL A 47 -3.27 -1.73 10.53
N GLY A 48 -3.62 -2.81 9.84
CA GLY A 48 -4.96 -3.37 9.98
C GLY A 48 -5.16 -4.63 9.15
N GLN A 49 -5.84 -5.60 9.73
CA GLN A 49 -6.12 -6.85 9.01
C GLN A 49 -6.97 -6.56 7.78
N ALA A 50 -8.00 -5.74 7.97
CA ALA A 50 -8.88 -5.38 6.87
C ALA A 50 -8.14 -4.44 5.92
N VAL A 51 -7.40 -3.50 6.51
CA VAL A 51 -6.61 -2.55 5.72
C VAL A 51 -5.71 -3.28 4.75
N ALA A 52 -4.81 -4.08 5.30
CA ALA A 52 -3.88 -4.85 4.47
C ALA A 52 -4.65 -5.66 3.44
N GLN A 53 -5.87 -6.03 3.81
CA GLN A 53 -6.71 -6.82 2.91
C GLN A 53 -7.34 -5.94 1.82
N GLN A 54 -7.46 -4.65 2.11
CA GLN A 54 -8.04 -3.72 1.14
C GLN A 54 -6.99 -3.30 0.12
N ILE A 55 -5.87 -2.80 0.62
CA ILE A 55 -4.78 -2.35 -0.25
C ILE A 55 -4.35 -3.47 -1.19
N HIS A 56 -4.52 -4.71 -0.75
CA HIS A 56 -4.13 -5.86 -1.56
C HIS A 56 -5.10 -6.04 -2.74
N ALA A 57 -6.39 -5.90 -2.46
CA ALA A 57 -7.40 -6.05 -3.51
C ALA A 57 -7.62 -4.73 -4.25
N PHE A 58 -7.22 -3.64 -3.63
CA PHE A 58 -7.40 -2.32 -4.23
C PHE A 58 -6.71 -2.23 -5.59
N PHE A 59 -5.40 -2.42 -5.60
CA PHE A 59 -4.64 -2.35 -6.84
C PHE A 59 -4.88 -3.58 -7.70
N THR A 60 -5.56 -4.58 -7.15
CA THR A 60 -5.84 -5.79 -7.89
C THR A 60 -6.75 -5.49 -9.08
N GLN A 61 -7.70 -4.59 -8.84
CA GLN A 61 -8.62 -4.19 -9.90
C GLN A 61 -8.49 -2.69 -10.16
N PRO A 62 -7.73 -2.31 -11.15
CA PRO A 62 -7.54 -0.87 -11.50
C PRO A 62 -8.83 -0.20 -11.95
N ARG A 63 -9.29 0.77 -11.17
CA ARG A 63 -10.52 1.48 -11.50
C ARG A 63 -10.23 2.95 -11.76
N SER A 3 5.31 12.31 -18.19
CA SER A 3 4.46 11.15 -18.45
C SER A 3 4.75 10.03 -17.45
N GLU A 4 4.51 10.32 -16.17
CA GLU A 4 4.75 9.34 -15.12
C GLU A 4 3.49 8.52 -14.86
N PRO A 5 3.64 7.27 -14.51
CA PRO A 5 2.49 6.36 -14.22
C PRO A 5 1.71 6.79 -12.98
N SER A 6 0.55 7.38 -13.20
CA SER A 6 -0.29 7.84 -12.09
C SER A 6 -0.75 6.66 -11.23
N LEU A 7 -0.80 5.48 -11.84
CA LEU A 7 -1.23 4.28 -11.12
C LEU A 7 -0.48 4.17 -9.80
N LEU A 8 0.74 4.68 -9.78
CA LEU A 8 1.56 4.64 -8.56
C LEU A 8 1.17 5.81 -7.66
N ARG A 9 1.38 7.03 -8.14
CA ARG A 9 1.02 8.21 -7.39
C ARG A 9 -0.46 8.14 -7.04
N THR A 10 -1.17 7.28 -7.76
CA THR A 10 -2.60 7.10 -7.54
C THR A 10 -2.81 6.08 -6.43
N VAL A 11 -1.84 5.19 -6.27
CA VAL A 11 -1.92 4.15 -5.24
C VAL A 11 -1.67 4.75 -3.85
N GLN A 12 -0.55 5.46 -3.72
CA GLN A 12 -0.21 6.08 -2.45
C GLN A 12 -1.42 6.80 -1.87
N GLN A 13 -2.39 7.09 -2.74
CA GLN A 13 -3.61 7.77 -2.31
C GLN A 13 -4.61 6.77 -1.76
N ILE A 14 -4.15 5.54 -1.54
CA ILE A 14 -5.01 4.49 -1.02
C ILE A 14 -5.26 4.68 0.48
N PRO A 15 -6.50 4.63 0.90
CA PRO A 15 -6.84 4.78 2.33
C PRO A 15 -6.50 3.52 3.12
N GLY A 16 -5.78 3.70 4.22
CA GLY A 16 -5.38 2.57 5.04
C GLY A 16 -3.86 2.45 5.08
N VAL A 17 -3.23 2.48 3.91
CA VAL A 17 -1.78 2.39 3.84
C VAL A 17 -1.16 3.40 4.80
N GLY A 18 -1.70 4.61 4.81
CA GLY A 18 -1.21 5.67 5.68
C GLY A 18 0.05 6.31 5.12
N LYS A 19 -0.13 7.23 4.18
CA LYS A 19 1.02 7.90 3.59
C LYS A 19 1.99 8.26 4.69
N VAL A 20 1.46 8.30 5.91
CA VAL A 20 2.26 8.60 7.09
C VAL A 20 3.26 7.48 7.35
N LYS A 21 2.76 6.26 7.34
CA LYS A 21 3.60 5.10 7.57
C LYS A 21 4.42 4.75 6.33
N ALA A 22 3.82 4.96 5.16
CA ALA A 22 4.50 4.68 3.91
C ALA A 22 6.01 4.84 4.07
N PRO A 23 6.46 6.01 4.44
CA PRO A 23 7.91 6.27 4.63
C PRO A 23 8.50 5.40 5.74
N LEU A 24 7.67 5.09 6.74
CA LEU A 24 8.12 4.25 7.85
C LEU A 24 8.29 2.82 7.37
N LEU A 25 7.23 2.28 6.81
CA LEU A 25 7.22 0.92 6.30
C LEU A 25 8.06 0.84 5.03
N LEU A 26 8.32 1.99 4.42
CA LEU A 26 9.12 2.06 3.22
C LEU A 26 10.48 1.41 3.45
N GLN A 27 11.09 1.72 4.59
CA GLN A 27 12.39 1.16 4.92
C GLN A 27 12.34 -0.37 4.88
N LYS A 28 11.13 -0.92 4.99
CA LYS A 28 10.96 -2.37 4.97
C LYS A 28 10.54 -2.86 3.59
N PHE A 29 10.03 -1.95 2.76
CA PHE A 29 9.59 -2.32 1.42
C PHE A 29 10.06 -1.29 0.38
N PRO A 30 10.28 -1.72 -0.83
CA PRO A 30 10.75 -0.83 -1.93
C PRO A 30 10.13 0.57 -1.86
N SER A 31 8.89 0.71 -2.34
CA SER A 31 8.22 2.00 -2.33
C SER A 31 6.71 1.83 -2.53
N ILE A 32 5.97 2.92 -2.37
CA ILE A 32 4.52 2.86 -2.52
C ILE A 32 4.15 1.96 -3.68
N GLN A 33 5.12 1.69 -4.55
CA GLN A 33 4.89 0.80 -5.67
C GLN A 33 4.64 -0.61 -5.14
N GLN A 34 5.65 -1.15 -4.48
CA GLN A 34 5.56 -2.48 -3.89
C GLN A 34 5.00 -2.38 -2.47
N LEU A 35 5.34 -1.30 -1.76
CA LEU A 35 4.87 -1.11 -0.40
C LEU A 35 3.38 -1.40 -0.30
N SER A 36 2.58 -0.70 -1.10
CA SER A 36 1.14 -0.91 -1.09
C SER A 36 0.79 -2.35 -1.43
N ASN A 37 1.82 -3.12 -1.78
CA ASN A 37 1.62 -4.52 -2.14
C ASN A 37 2.27 -5.45 -1.12
N ALA A 38 2.85 -4.86 -0.08
CA ALA A 38 3.51 -5.64 0.97
C ALA A 38 2.60 -6.79 1.42
N SER A 39 3.22 -7.85 1.94
CA SER A 39 2.46 -9.00 2.40
C SER A 39 1.29 -8.56 3.27
N ILE A 40 0.25 -9.38 3.32
CA ILE A 40 -0.93 -9.06 4.11
C ILE A 40 -0.58 -9.04 5.59
N GLY A 41 0.06 -10.11 6.06
CA GLY A 41 0.45 -10.20 7.47
C GLY A 41 1.15 -8.93 7.93
N GLU A 42 2.10 -8.46 7.14
CA GLU A 42 2.85 -7.25 7.49
C GLU A 42 1.92 -6.04 7.51
N LEU A 43 1.35 -5.71 6.36
CA LEU A 43 0.45 -4.57 6.26
C LEU A 43 -0.71 -4.70 7.24
N GLU A 44 -0.99 -5.93 7.67
CA GLU A 44 -2.08 -6.18 8.60
C GLU A 44 -1.66 -5.85 10.02
N GLN A 45 -0.65 -6.55 10.51
CA GLN A 45 -0.15 -6.32 11.85
C GLN A 45 0.50 -4.95 11.91
N VAL A 46 0.35 -4.21 10.82
CA VAL A 46 0.94 -2.89 10.73
C VAL A 46 -0.14 -1.81 10.83
N VAL A 47 -1.32 -2.05 10.25
CA VAL A 47 -2.37 -1.05 10.32
C VAL A 47 -3.75 -1.68 10.45
N GLY A 48 -3.99 -2.78 9.75
CA GLY A 48 -5.30 -3.44 9.82
C GLY A 48 -5.36 -4.71 8.99
N GLN A 49 -5.98 -5.74 9.56
CA GLN A 49 -6.13 -7.00 8.84
C GLN A 49 -7.06 -6.82 7.66
N ALA A 50 -8.09 -6.00 7.86
CA ALA A 50 -9.04 -5.72 6.78
C ALA A 50 -8.44 -4.69 5.84
N VAL A 51 -7.56 -3.85 6.38
CA VAL A 51 -6.91 -2.82 5.57
C VAL A 51 -5.92 -3.46 4.62
N ALA A 52 -4.93 -4.14 5.18
CA ALA A 52 -3.92 -4.81 4.36
C ALA A 52 -4.61 -5.63 3.28
N GLN A 53 -5.70 -6.27 3.66
CA GLN A 53 -6.47 -7.09 2.74
C GLN A 53 -7.17 -6.22 1.70
N GLN A 54 -7.44 -4.96 2.05
CA GLN A 54 -8.11 -4.05 1.14
C GLN A 54 -7.10 -3.40 0.20
N ILE A 55 -5.90 -3.12 0.71
CA ILE A 55 -4.86 -2.49 -0.10
C ILE A 55 -4.42 -3.47 -1.20
N HIS A 56 -4.24 -4.73 -0.82
CA HIS A 56 -3.81 -5.75 -1.77
C HIS A 56 -4.84 -5.95 -2.88
N ALA A 57 -6.11 -5.96 -2.50
CA ALA A 57 -7.19 -6.16 -3.47
C ALA A 57 -7.56 -4.83 -4.13
N PHE A 58 -7.17 -3.73 -3.50
CA PHE A 58 -7.49 -2.40 -4.03
C PHE A 58 -6.95 -2.24 -5.45
N PHE A 59 -5.63 -2.39 -5.61
CA PHE A 59 -5.01 -2.26 -6.92
C PHE A 59 -5.22 -3.52 -7.75
N THR A 60 -5.79 -4.56 -7.14
CA THR A 60 -6.02 -5.80 -7.86
C THR A 60 -7.03 -5.57 -8.98
N GLN A 61 -8.02 -4.73 -8.71
CA GLN A 61 -9.03 -4.40 -9.69
C GLN A 61 -8.99 -2.91 -10.00
N PRO A 62 -8.33 -2.52 -11.06
CA PRO A 62 -8.23 -1.08 -11.45
C PRO A 62 -9.58 -0.48 -11.83
N ARG A 63 -10.01 0.51 -11.07
CA ARG A 63 -11.29 1.15 -11.33
C ARG A 63 -11.55 1.27 -12.83
N SER A 3 7.52 10.32 -16.56
CA SER A 3 7.37 9.18 -17.45
C SER A 3 7.00 7.93 -16.66
N GLU A 4 6.45 8.14 -15.47
CA GLU A 4 6.04 7.02 -14.61
C GLU A 4 4.52 6.89 -14.59
N PRO A 5 4.03 5.73 -14.24
CA PRO A 5 2.56 5.47 -14.17
C PRO A 5 1.91 6.11 -12.94
N SER A 6 0.71 6.65 -13.13
CA SER A 6 -0.01 7.30 -12.04
C SER A 6 -0.45 6.25 -11.01
N LEU A 7 -0.89 5.10 -11.49
CA LEU A 7 -1.35 4.04 -10.61
C LEU A 7 -0.50 4.01 -9.34
N LEU A 8 0.71 4.53 -9.44
CA LEU A 8 1.60 4.57 -8.28
C LEU A 8 1.26 5.77 -7.41
N ARG A 9 1.43 6.97 -7.96
CA ARG A 9 1.11 8.17 -7.23
C ARG A 9 -0.34 8.09 -6.77
N THR A 10 -1.10 7.25 -7.46
CA THR A 10 -2.50 7.05 -7.13
C THR A 10 -2.64 5.99 -6.04
N VAL A 11 -1.76 5.01 -6.07
CA VAL A 11 -1.78 3.93 -5.09
C VAL A 11 -1.49 4.48 -3.69
N GLN A 12 -0.46 5.31 -3.58
CA GLN A 12 -0.11 5.90 -2.29
C GLN A 12 -1.31 6.60 -1.67
N GLN A 13 -2.28 6.97 -2.51
CA GLN A 13 -3.48 7.64 -2.03
C GLN A 13 -4.49 6.62 -1.51
N ILE A 14 -4.12 5.35 -1.58
CA ILE A 14 -5.01 4.29 -1.11
C ILE A 14 -5.35 4.48 0.37
N PRO A 15 -6.60 4.41 0.74
CA PRO A 15 -7.02 4.56 2.15
C PRO A 15 -6.64 3.33 2.95
N GLY A 16 -5.98 3.54 4.09
CA GLY A 16 -5.55 2.44 4.92
C GLY A 16 -4.03 2.43 5.06
N VAL A 17 -3.33 2.50 3.94
CA VAL A 17 -1.87 2.51 3.97
C VAL A 17 -1.38 3.55 4.96
N GLY A 18 -1.76 4.80 4.73
CA GLY A 18 -1.35 5.90 5.60
C GLY A 18 -0.08 6.56 5.08
N LYS A 19 -0.24 7.50 4.16
CA LYS A 19 0.93 8.20 3.61
C LYS A 19 1.87 8.53 4.75
N VAL A 20 1.33 8.50 5.96
CA VAL A 20 2.11 8.78 7.16
C VAL A 20 3.12 7.67 7.40
N LYS A 21 2.67 6.44 7.24
CA LYS A 21 3.53 5.28 7.44
C LYS A 21 4.20 4.86 6.13
N ALA A 22 3.78 5.49 5.03
CA ALA A 22 4.36 5.18 3.73
C ALA A 22 5.87 5.11 3.82
N PRO A 23 6.50 6.18 4.21
CA PRO A 23 7.99 6.24 4.33
C PRO A 23 8.51 5.33 5.44
N LEU A 24 7.71 5.17 6.49
CA LEU A 24 8.09 4.32 7.61
C LEU A 24 8.14 2.87 7.18
N LEU A 25 7.01 2.40 6.69
CA LEU A 25 6.88 1.03 6.24
C LEU A 25 7.75 0.80 5.00
N LEU A 26 7.93 1.85 4.21
CA LEU A 26 8.75 1.75 3.01
C LEU A 26 10.14 1.30 3.37
N GLN A 27 10.69 1.84 4.45
CA GLN A 27 12.02 1.48 4.90
C GLN A 27 12.24 -0.02 4.71
N LYS A 28 11.17 -0.79 4.87
CA LYS A 28 11.26 -2.25 4.72
C LYS A 28 10.94 -2.67 3.28
N PHE A 29 10.01 -1.97 2.65
CA PHE A 29 9.63 -2.31 1.27
C PHE A 29 10.05 -1.21 0.30
N PRO A 30 10.35 -1.57 -0.91
CA PRO A 30 10.79 -0.60 -1.96
C PRO A 30 10.08 0.74 -1.83
N SER A 31 8.83 0.81 -2.29
CA SER A 31 8.07 2.06 -2.23
C SER A 31 6.58 1.80 -2.40
N ILE A 32 5.78 2.85 -2.22
CA ILE A 32 4.33 2.74 -2.36
C ILE A 32 3.98 1.83 -3.53
N GLN A 33 4.98 1.58 -4.38
CA GLN A 33 4.77 0.69 -5.51
C GLN A 33 4.60 -0.73 -5.00
N GLN A 34 5.64 -1.24 -4.35
CA GLN A 34 5.59 -2.58 -3.78
C GLN A 34 5.04 -2.52 -2.37
N LEU A 35 5.35 -1.43 -1.66
CA LEU A 35 4.89 -1.26 -0.28
C LEU A 35 3.40 -1.62 -0.18
N SER A 36 2.58 -0.95 -0.98
CA SER A 36 1.14 -1.22 -0.97
C SER A 36 0.88 -2.68 -1.31
N ASN A 37 1.90 -3.36 -1.80
CA ASN A 37 1.77 -4.76 -2.18
C ASN A 37 2.44 -5.65 -1.13
N ALA A 38 2.95 -5.05 -0.07
CA ALA A 38 3.61 -5.79 0.99
C ALA A 38 2.73 -6.94 1.47
N SER A 39 3.34 -7.95 2.06
CA SER A 39 2.60 -9.11 2.56
C SER A 39 1.40 -8.65 3.38
N ILE A 40 0.25 -9.30 3.15
CA ILE A 40 -0.97 -8.95 3.86
C ILE A 40 -0.74 -9.01 5.37
N GLY A 41 -0.11 -10.11 5.81
CA GLY A 41 0.17 -10.27 7.24
C GLY A 41 0.92 -9.07 7.79
N GLU A 42 1.94 -8.63 7.07
CA GLU A 42 2.73 -7.48 7.49
C GLU A 42 1.86 -6.23 7.52
N LEU A 43 1.39 -5.81 6.34
CA LEU A 43 0.55 -4.63 6.25
C LEU A 43 -0.60 -4.73 7.26
N GLU A 44 -0.91 -5.96 7.65
CA GLU A 44 -2.00 -6.19 8.61
C GLU A 44 -1.52 -5.91 10.03
N GLN A 45 -0.52 -6.67 10.46
CA GLN A 45 0.02 -6.50 11.80
C GLN A 45 0.71 -5.15 11.87
N VAL A 46 0.59 -4.39 10.78
CA VAL A 46 1.21 -3.08 10.70
C VAL A 46 0.16 -1.97 10.75
N VAL A 47 -1.01 -2.21 10.15
CA VAL A 47 -2.04 -1.17 10.17
C VAL A 47 -3.45 -1.73 10.29
N GLY A 48 -3.74 -2.84 9.63
CA GLY A 48 -5.08 -3.42 9.72
C GLY A 48 -5.21 -4.70 8.89
N GLN A 49 -5.90 -5.69 9.46
CA GLN A 49 -6.13 -6.95 8.76
C GLN A 49 -7.04 -6.71 7.58
N ALA A 50 -8.07 -5.91 7.80
CA ALA A 50 -9.01 -5.58 6.74
C ALA A 50 -8.39 -4.54 5.81
N VAL A 51 -7.39 -3.83 6.33
CA VAL A 51 -6.69 -2.82 5.55
C VAL A 51 -5.69 -3.48 4.61
N ALA A 52 -4.74 -4.20 5.20
CA ALA A 52 -3.73 -4.88 4.40
C ALA A 52 -4.40 -5.64 3.27
N GLN A 53 -5.61 -6.09 3.54
CA GLN A 53 -6.36 -6.85 2.53
C GLN A 53 -7.03 -5.90 1.54
N GLN A 54 -7.34 -4.69 1.99
CA GLN A 54 -7.98 -3.70 1.12
C GLN A 54 -6.95 -3.02 0.22
N ILE A 55 -5.69 -3.02 0.67
CA ILE A 55 -4.62 -2.39 -0.12
C ILE A 55 -4.20 -3.31 -1.25
N HIS A 56 -4.20 -4.61 -1.00
CA HIS A 56 -3.80 -5.58 -2.01
C HIS A 56 -4.93 -5.85 -3.00
N ALA A 57 -6.17 -5.78 -2.52
CA ALA A 57 -7.32 -6.04 -3.37
C ALA A 57 -7.77 -4.76 -4.09
N PHE A 58 -7.34 -3.61 -3.59
CA PHE A 58 -7.71 -2.35 -4.19
C PHE A 58 -7.10 -2.20 -5.59
N PHE A 59 -5.77 -2.17 -5.66
CA PHE A 59 -5.09 -2.03 -6.95
C PHE A 59 -5.14 -3.32 -7.75
N THR A 60 -5.76 -4.36 -7.18
CA THR A 60 -5.86 -5.63 -7.88
C THR A 60 -6.81 -5.48 -9.07
N GLN A 61 -7.86 -4.68 -8.88
CA GLN A 61 -8.82 -4.43 -9.94
C GLN A 61 -8.83 -2.95 -10.30
N PRO A 62 -8.13 -2.56 -11.33
CA PRO A 62 -8.06 -1.14 -11.76
C PRO A 62 -9.41 -0.64 -12.30
N ARG A 63 -9.97 0.36 -11.62
CA ARG A 63 -11.24 0.93 -12.05
C ARG A 63 -11.06 2.35 -12.56
N SER A 3 -1.80 6.29 -20.32
CA SER A 3 -1.66 5.32 -19.23
C SER A 3 -0.35 5.54 -18.48
N GLU A 4 -0.20 6.73 -17.90
CA GLU A 4 1.00 7.05 -17.15
C GLU A 4 1.16 6.12 -15.95
N PRO A 5 2.37 5.98 -15.46
CA PRO A 5 2.66 5.09 -14.30
C PRO A 5 2.22 5.71 -12.97
N SER A 6 1.14 6.46 -13.00
CA SER A 6 0.63 7.11 -11.80
C SER A 6 0.14 6.06 -10.80
N LEU A 7 -0.09 4.85 -11.30
CA LEU A 7 -0.56 3.77 -10.44
C LEU A 7 0.12 3.82 -9.08
N LEU A 8 1.26 4.49 -9.01
CA LEU A 8 2.00 4.63 -7.76
C LEU A 8 1.43 5.78 -6.96
N ARG A 9 1.19 6.90 -7.65
CA ARG A 9 0.64 8.08 -7.01
C ARG A 9 -0.85 7.84 -6.79
N THR A 10 -1.40 6.89 -7.53
CA THR A 10 -2.81 6.55 -7.42
C THR A 10 -3.01 5.52 -6.30
N VAL A 11 -2.04 4.64 -6.15
CA VAL A 11 -2.11 3.60 -5.13
C VAL A 11 -1.90 4.20 -3.74
N GLN A 12 -0.81 4.94 -3.59
CA GLN A 12 -0.50 5.56 -2.30
C GLN A 12 -1.70 6.31 -1.75
N GLN A 13 -2.52 6.85 -2.65
CA GLN A 13 -3.71 7.60 -2.23
C GLN A 13 -4.75 6.64 -1.65
N ILE A 14 -4.33 5.41 -1.39
CA ILE A 14 -5.22 4.40 -0.86
C ILE A 14 -5.46 4.62 0.63
N PRO A 15 -6.70 4.58 1.07
CA PRO A 15 -7.04 4.76 2.50
C PRO A 15 -6.62 3.54 3.32
N GLY A 16 -5.89 3.78 4.40
CA GLY A 16 -5.43 2.69 5.25
C GLY A 16 -3.91 2.64 5.28
N VAL A 17 -3.28 2.67 4.10
CA VAL A 17 -1.83 2.64 4.02
C VAL A 17 -1.23 3.67 4.98
N GLY A 18 -1.74 4.89 4.90
CA GLY A 18 -1.25 5.97 5.74
C GLY A 18 -0.02 6.61 5.14
N LYS A 19 -0.24 7.55 4.21
CA LYS A 19 0.88 8.23 3.58
C LYS A 19 1.90 8.60 4.65
N VAL A 20 1.43 8.60 5.90
CA VAL A 20 2.28 8.92 7.04
C VAL A 20 3.26 7.78 7.26
N LYS A 21 2.77 6.57 7.16
CA LYS A 21 3.58 5.38 7.36
C LYS A 21 4.27 4.97 6.07
N ALA A 22 3.83 5.55 4.95
CA ALA A 22 4.41 5.23 3.65
C ALA A 22 5.93 5.20 3.77
N PRO A 23 6.54 6.29 4.15
CA PRO A 23 8.02 6.37 4.31
C PRO A 23 8.53 5.47 5.44
N LEU A 24 7.68 5.27 6.44
CA LEU A 24 8.03 4.42 7.57
C LEU A 24 8.08 2.96 7.15
N LEU A 25 6.96 2.51 6.63
CA LEU A 25 6.83 1.14 6.18
C LEU A 25 7.70 0.90 4.96
N LEU A 26 7.86 1.95 4.15
CA LEU A 26 8.69 1.86 2.95
C LEU A 26 10.09 1.38 3.33
N GLN A 27 10.44 1.56 4.59
CA GLN A 27 11.74 1.13 5.07
C GLN A 27 11.86 -0.39 4.91
N LYS A 28 10.71 -1.06 4.95
CA LYS A 28 10.68 -2.51 4.81
C LYS A 28 10.36 -2.92 3.38
N PHE A 29 9.82 -2.00 2.59
CA PHE A 29 9.47 -2.30 1.20
C PHE A 29 9.97 -1.20 0.25
N PRO A 30 10.27 -1.56 -0.97
CA PRO A 30 10.76 -0.61 -2.01
C PRO A 30 10.06 0.75 -1.94
N SER A 31 8.82 0.81 -2.40
CA SER A 31 8.08 2.07 -2.38
C SER A 31 6.57 1.84 -2.47
N ILE A 32 5.81 2.91 -2.25
CA ILE A 32 4.35 2.84 -2.30
C ILE A 32 3.89 1.95 -3.45
N GLN A 33 4.79 1.65 -4.36
CA GLN A 33 4.46 0.79 -5.47
C GLN A 33 4.20 -0.61 -4.93
N GLN A 34 5.23 -1.21 -4.37
CA GLN A 34 5.11 -2.54 -3.78
C GLN A 34 4.69 -2.43 -2.31
N LEU A 35 5.12 -1.35 -1.66
CA LEU A 35 4.79 -1.13 -0.25
C LEU A 35 3.29 -1.35 0.00
N SER A 36 2.46 -0.64 -0.75
CA SER A 36 1.02 -0.77 -0.59
C SER A 36 0.57 -2.19 -0.93
N ASN A 37 1.42 -2.92 -1.63
CA ASN A 37 1.09 -4.29 -2.02
C ASN A 37 1.79 -5.29 -1.10
N ALA A 38 2.41 -4.78 -0.05
CA ALA A 38 3.11 -5.63 0.91
C ALA A 38 2.22 -6.79 1.35
N SER A 39 2.85 -7.89 1.76
CA SER A 39 2.10 -9.06 2.21
C SER A 39 0.97 -8.65 3.14
N ILE A 40 -0.13 -9.38 3.08
CA ILE A 40 -1.28 -9.09 3.93
C ILE A 40 -0.89 -9.16 5.40
N GLY A 41 -0.14 -10.20 5.76
CA GLY A 41 0.31 -10.39 7.13
C GLY A 41 1.09 -9.18 7.62
N GLU A 42 2.08 -8.76 6.83
CA GLU A 42 2.90 -7.61 7.20
C GLU A 42 2.05 -6.35 7.29
N LEU A 43 1.50 -5.94 6.16
CA LEU A 43 0.66 -4.73 6.13
C LEU A 43 -0.44 -4.82 7.18
N GLU A 44 -0.75 -6.05 7.60
CA GLU A 44 -1.79 -6.26 8.60
C GLU A 44 -1.28 -5.92 9.99
N GLN A 45 -0.26 -6.66 10.43
CA GLN A 45 0.33 -6.43 11.73
C GLN A 45 1.04 -5.08 11.73
N VAL A 46 0.89 -4.37 10.63
CA VAL A 46 1.51 -3.06 10.50
C VAL A 46 0.48 -1.94 10.56
N VAL A 47 -0.71 -2.16 10.00
CA VAL A 47 -1.73 -1.11 10.03
C VAL A 47 -3.14 -1.66 10.23
N GLY A 48 -3.46 -2.78 9.60
CA GLY A 48 -4.79 -3.36 9.75
C GLY A 48 -4.95 -4.66 8.98
N GLN A 49 -5.59 -5.63 9.63
CA GLN A 49 -5.84 -6.92 8.98
C GLN A 49 -6.73 -6.70 7.77
N ALA A 50 -7.81 -5.95 7.97
CA ALA A 50 -8.73 -5.66 6.88
C ALA A 50 -8.09 -4.67 5.92
N VAL A 51 -7.33 -3.73 6.48
CA VAL A 51 -6.64 -2.72 5.67
C VAL A 51 -5.72 -3.40 4.68
N ALA A 52 -4.74 -4.13 5.19
CA ALA A 52 -3.79 -4.83 4.35
C ALA A 52 -4.53 -5.65 3.31
N GLN A 53 -5.69 -6.17 3.70
CA GLN A 53 -6.50 -6.98 2.81
C GLN A 53 -7.11 -6.11 1.70
N GLN A 54 -7.30 -4.83 1.98
CA GLN A 54 -7.87 -3.91 1.00
C GLN A 54 -6.78 -3.39 0.07
N ILE A 55 -5.76 -2.78 0.67
CA ILE A 55 -4.66 -2.22 -0.10
C ILE A 55 -4.14 -3.22 -1.13
N HIS A 56 -4.30 -4.51 -0.84
CA HIS A 56 -3.84 -5.55 -1.74
C HIS A 56 -4.85 -5.78 -2.87
N ALA A 57 -6.14 -5.60 -2.56
CA ALA A 57 -7.18 -5.79 -3.55
C ALA A 57 -7.35 -4.52 -4.39
N PHE A 58 -6.93 -3.39 -3.85
CA PHE A 58 -7.02 -2.12 -4.56
C PHE A 58 -6.31 -2.19 -5.90
N PHE A 59 -5.08 -2.70 -5.88
CA PHE A 59 -4.29 -2.81 -7.12
C PHE A 59 -5.13 -3.39 -8.24
N THR A 60 -5.77 -4.53 -7.98
CA THR A 60 -6.59 -5.18 -8.99
C THR A 60 -7.83 -4.34 -9.27
N GLN A 61 -8.39 -3.74 -8.22
CA GLN A 61 -9.57 -2.91 -8.36
C GLN A 61 -9.28 -1.48 -7.91
N PRO A 62 -8.98 -0.60 -8.84
CA PRO A 62 -8.70 0.82 -8.52
C PRO A 62 -9.98 1.59 -8.16
N ARG A 63 -10.06 2.02 -6.91
CA ARG A 63 -11.23 2.77 -6.46
C ARG A 63 -10.85 4.20 -6.08
N SER A 3 5.10 9.37 -20.10
CA SER A 3 4.42 10.00 -18.97
C SER A 3 5.02 9.53 -17.66
N GLU A 4 4.41 9.94 -16.55
CA GLU A 4 4.89 9.56 -15.23
C GLU A 4 3.91 8.59 -14.56
N PRO A 5 4.17 7.31 -14.67
CA PRO A 5 3.30 6.27 -14.07
C PRO A 5 2.91 6.60 -12.63
N SER A 6 1.90 7.45 -12.47
CA SER A 6 1.44 7.85 -11.15
C SER A 6 0.84 6.67 -10.40
N LEU A 7 0.47 5.63 -11.14
CA LEU A 7 -0.13 4.44 -10.54
C LEU A 7 0.44 4.22 -9.14
N LEU A 8 1.70 4.58 -8.95
CA LEU A 8 2.34 4.41 -7.65
C LEU A 8 2.01 5.60 -6.77
N ARG A 9 2.24 6.80 -7.29
CA ARG A 9 1.94 8.00 -6.54
C ARG A 9 0.45 8.04 -6.26
N THR A 10 -0.28 7.24 -7.04
CA THR A 10 -1.72 7.15 -6.91
C THR A 10 -2.08 6.13 -5.84
N VAL A 11 -1.43 4.97 -5.91
CA VAL A 11 -1.67 3.90 -4.94
C VAL A 11 -1.51 4.43 -3.52
N GLN A 12 -0.41 5.13 -3.27
CA GLN A 12 -0.16 5.68 -1.93
C GLN A 12 -1.37 6.44 -1.42
N GLN A 13 -2.26 6.81 -2.34
CA GLN A 13 -3.47 7.54 -1.97
C GLN A 13 -4.56 6.58 -1.50
N ILE A 14 -4.22 5.29 -1.47
CA ILE A 14 -5.17 4.27 -1.06
C ILE A 14 -5.50 4.43 0.42
N PRO A 15 -6.76 4.43 0.78
CA PRO A 15 -7.17 4.55 2.20
C PRO A 15 -6.76 3.30 2.98
N GLY A 16 -6.07 3.50 4.09
CA GLY A 16 -5.61 2.37 4.90
C GLY A 16 -4.09 2.37 4.99
N VAL A 17 -3.41 2.47 3.84
CA VAL A 17 -1.96 2.49 3.84
C VAL A 17 -1.45 3.49 4.86
N GLY A 18 -1.87 4.74 4.71
CA GLY A 18 -1.45 5.80 5.62
C GLY A 18 -0.32 6.62 5.02
N LYS A 19 -0.68 7.65 4.25
CA LYS A 19 0.32 8.51 3.64
C LYS A 19 1.40 8.81 4.68
N VAL A 20 1.04 8.63 5.94
CA VAL A 20 1.95 8.86 7.04
C VAL A 20 3.01 7.77 7.09
N LYS A 21 2.55 6.53 6.95
CA LYS A 21 3.44 5.39 6.98
C LYS A 21 4.01 5.10 5.59
N ALA A 22 3.37 5.65 4.57
CA ALA A 22 3.83 5.43 3.20
C ALA A 22 5.35 5.38 3.16
N PRO A 23 6.01 6.42 3.59
CA PRO A 23 7.49 6.49 3.62
C PRO A 23 8.07 5.60 4.71
N LEU A 24 7.36 5.53 5.84
CA LEU A 24 7.80 4.71 6.96
C LEU A 24 7.87 3.26 6.55
N LEU A 25 6.75 2.75 6.08
CA LEU A 25 6.67 1.36 5.64
C LEU A 25 7.55 1.16 4.42
N LEU A 26 7.68 2.20 3.61
CA LEU A 26 8.50 2.13 2.41
C LEU A 26 9.89 1.61 2.75
N GLN A 27 10.21 1.60 4.04
CA GLN A 27 11.50 1.13 4.50
C GLN A 27 11.52 -0.40 4.53
N LYS A 28 10.37 -0.98 4.88
CA LYS A 28 10.24 -2.44 4.95
C LYS A 28 9.92 -3.01 3.58
N PHE A 29 9.65 -2.13 2.61
CA PHE A 29 9.33 -2.57 1.26
C PHE A 29 9.85 -1.57 0.22
N PRO A 30 10.12 -2.04 -0.97
CA PRO A 30 10.64 -1.18 -2.07
C PRO A 30 10.01 0.21 -2.09
N SER A 31 8.75 0.29 -2.51
CA SER A 31 8.07 1.58 -2.57
C SER A 31 6.55 1.41 -2.62
N ILE A 32 5.83 2.51 -2.44
CA ILE A 32 4.38 2.49 -2.44
C ILE A 32 3.84 1.54 -3.50
N GLN A 33 4.63 1.32 -4.55
CA GLN A 33 4.21 0.39 -5.60
C GLN A 33 4.09 -1.01 -5.01
N GLN A 34 5.17 -1.49 -4.41
CA GLN A 34 5.18 -2.80 -3.78
C GLN A 34 4.69 -2.71 -2.34
N LEU A 35 5.10 -1.63 -1.66
CA LEU A 35 4.69 -1.41 -0.28
C LEU A 35 3.20 -1.68 -0.11
N SER A 36 2.40 -1.07 -0.97
CA SER A 36 0.95 -1.24 -0.91
C SER A 36 0.58 -2.70 -1.20
N ASN A 37 1.51 -3.43 -1.80
CA ASN A 37 1.26 -4.83 -2.12
C ASN A 37 2.03 -5.75 -1.18
N ALA A 38 2.74 -5.15 -0.23
CA ALA A 38 3.51 -5.94 0.74
C ALA A 38 2.68 -7.11 1.26
N SER A 39 3.36 -8.10 1.80
CA SER A 39 2.67 -9.28 2.33
C SER A 39 1.58 -8.86 3.31
N ILE A 40 0.42 -9.51 3.21
CA ILE A 40 -0.69 -9.21 4.09
C ILE A 40 -0.29 -9.31 5.55
N GLY A 41 0.46 -10.36 5.88
CA GLY A 41 0.92 -10.56 7.25
C GLY A 41 1.63 -9.32 7.77
N GLU A 42 2.33 -8.62 6.88
CA GLU A 42 3.05 -7.42 7.25
C GLU A 42 2.12 -6.22 7.30
N LEU A 43 1.59 -5.83 6.14
CA LEU A 43 0.67 -4.70 6.07
C LEU A 43 -0.40 -4.79 7.15
N GLU A 44 -0.74 -6.02 7.54
CA GLU A 44 -1.77 -6.23 8.56
C GLU A 44 -1.25 -5.86 9.93
N GLN A 45 -0.20 -6.54 10.37
CA GLN A 45 0.39 -6.27 11.67
C GLN A 45 1.04 -4.89 11.64
N VAL A 46 0.82 -4.19 10.53
CA VAL A 46 1.39 -2.86 10.37
C VAL A 46 0.32 -1.79 10.51
N VAL A 47 -0.88 -2.04 9.99
CA VAL A 47 -1.94 -1.03 10.10
C VAL A 47 -3.31 -1.66 10.32
N GLY A 48 -3.59 -2.78 9.67
CA GLY A 48 -4.88 -3.43 9.85
C GLY A 48 -5.00 -4.71 9.04
N GLN A 49 -5.59 -5.74 9.64
CA GLN A 49 -5.79 -7.01 8.97
C GLN A 49 -6.74 -6.81 7.79
N ALA A 50 -7.83 -6.09 8.04
CA ALA A 50 -8.81 -5.82 7.00
C ALA A 50 -8.23 -4.82 6.01
N VAL A 51 -7.38 -3.93 6.52
CA VAL A 51 -6.74 -2.93 5.68
C VAL A 51 -5.77 -3.58 4.72
N ALA A 52 -4.76 -4.24 5.29
CA ALA A 52 -3.78 -4.92 4.45
C ALA A 52 -4.48 -5.74 3.38
N GLN A 53 -5.64 -6.25 3.74
CA GLN A 53 -6.43 -7.06 2.81
C GLN A 53 -7.23 -6.16 1.86
N GLN A 54 -7.50 -4.93 2.27
CA GLN A 54 -8.26 -4.00 1.43
C GLN A 54 -7.35 -3.33 0.42
N ILE A 55 -6.09 -3.13 0.79
CA ILE A 55 -5.12 -2.50 -0.10
C ILE A 55 -4.78 -3.45 -1.24
N HIS A 56 -4.43 -4.68 -0.88
CA HIS A 56 -4.07 -5.70 -1.86
C HIS A 56 -5.18 -5.86 -2.90
N ALA A 57 -6.42 -5.73 -2.47
CA ALA A 57 -7.56 -5.87 -3.37
C ALA A 57 -7.89 -4.54 -4.05
N PHE A 58 -7.44 -3.44 -3.47
CA PHE A 58 -7.70 -2.12 -4.04
C PHE A 58 -7.08 -2.00 -5.43
N PHE A 59 -5.75 -2.12 -5.50
CA PHE A 59 -5.05 -2.00 -6.77
C PHE A 59 -5.16 -3.29 -7.59
N THR A 60 -5.88 -4.27 -7.05
CA THR A 60 -6.05 -5.53 -7.77
C THR A 60 -6.85 -5.28 -9.04
N GLN A 61 -7.84 -4.40 -8.93
CA GLN A 61 -8.66 -4.04 -10.07
C GLN A 61 -8.53 -2.55 -10.36
N PRO A 62 -7.70 -2.18 -11.30
CA PRO A 62 -7.49 -0.75 -11.66
C PRO A 62 -8.76 -0.11 -12.21
N ARG A 63 -9.28 0.87 -11.48
CA ARG A 63 -10.49 1.56 -11.90
C ARG A 63 -11.44 0.60 -12.61
N SER A 3 3.04 6.53 -21.82
CA SER A 3 2.26 6.02 -20.69
C SER A 3 2.84 6.55 -19.38
N GLU A 4 1.96 7.04 -18.51
CA GLU A 4 2.39 7.58 -17.22
C GLU A 4 1.88 6.70 -16.08
N PRO A 5 2.70 5.78 -15.62
CA PRO A 5 2.32 4.86 -14.50
C PRO A 5 1.77 5.62 -13.30
N SER A 6 0.45 5.81 -13.28
CA SER A 6 -0.18 6.52 -12.18
C SER A 6 -0.54 5.56 -11.04
N LEU A 7 -0.58 4.27 -11.35
CA LEU A 7 -0.90 3.26 -10.36
C LEU A 7 -0.09 3.47 -9.09
N LEU A 8 1.02 4.19 -9.22
CA LEU A 8 1.89 4.47 -8.08
C LEU A 8 1.37 5.68 -7.31
N ARG A 9 1.35 6.82 -7.97
CA ARG A 9 0.86 8.04 -7.34
C ARG A 9 -0.61 7.87 -6.98
N THR A 10 -1.26 6.93 -7.66
CA THR A 10 -2.67 6.67 -7.40
C THR A 10 -2.84 5.68 -6.26
N VAL A 11 -1.85 4.80 -6.08
CA VAL A 11 -1.91 3.80 -5.03
C VAL A 11 -1.67 4.44 -3.66
N GLN A 12 -0.63 5.26 -3.56
CA GLN A 12 -0.31 5.91 -2.29
C GLN A 12 -1.53 6.64 -1.74
N GLN A 13 -2.48 6.98 -2.62
CA GLN A 13 -3.69 7.68 -2.19
C GLN A 13 -4.69 6.70 -1.61
N ILE A 14 -4.24 5.49 -1.32
CA ILE A 14 -5.09 4.47 -0.76
C ILE A 14 -5.32 4.70 0.73
N PRO A 15 -6.55 4.68 1.18
CA PRO A 15 -6.87 4.86 2.62
C PRO A 15 -6.50 3.62 3.42
N GLY A 16 -5.75 3.82 4.50
CA GLY A 16 -5.33 2.71 5.33
C GLY A 16 -3.82 2.64 5.40
N VAL A 17 -3.18 2.65 4.23
CA VAL A 17 -1.72 2.60 4.18
C VAL A 17 -1.13 3.64 5.13
N GLY A 18 -1.67 4.84 5.08
CA GLY A 18 -1.19 5.93 5.93
C GLY A 18 0.04 6.58 5.31
N LYS A 19 -0.18 7.48 4.36
CA LYS A 19 0.93 8.16 3.74
C LYS A 19 1.95 8.55 4.81
N VAL A 20 1.46 8.59 6.05
CA VAL A 20 2.30 8.92 7.19
C VAL A 20 3.34 7.83 7.41
N LYS A 21 2.89 6.59 7.34
CA LYS A 21 3.77 5.45 7.53
C LYS A 21 4.50 5.10 6.24
N ALA A 22 3.84 5.32 5.11
CA ALA A 22 4.44 5.01 3.82
C ALA A 22 5.96 5.13 3.89
N PRO A 23 6.45 6.31 4.18
CA PRO A 23 7.92 6.55 4.30
C PRO A 23 8.55 5.60 5.33
N LEU A 24 7.81 5.33 6.39
CA LEU A 24 8.27 4.43 7.44
C LEU A 24 8.12 2.98 6.96
N LEU A 25 6.89 2.64 6.61
CA LEU A 25 6.56 1.32 6.14
C LEU A 25 7.35 1.01 4.87
N LEU A 26 7.87 2.05 4.24
CA LEU A 26 8.65 1.90 3.02
C LEU A 26 10.04 1.34 3.36
N GLN A 27 10.59 1.80 4.47
CA GLN A 27 11.90 1.33 4.91
C GLN A 27 11.98 -0.19 4.82
N LYS A 28 10.82 -0.83 4.82
CA LYS A 28 10.76 -2.29 4.74
C LYS A 28 10.44 -2.74 3.33
N PHE A 29 9.74 -1.89 2.57
CA PHE A 29 9.37 -2.23 1.20
C PHE A 29 9.83 -1.14 0.23
N PRO A 30 10.16 -1.53 -0.98
CA PRO A 30 10.64 -0.58 -2.04
C PRO A 30 9.94 0.78 -1.99
N SER A 31 8.71 0.85 -2.47
CA SER A 31 7.97 2.11 -2.48
C SER A 31 6.46 1.86 -2.53
N ILE A 32 5.69 2.92 -2.31
CA ILE A 32 4.23 2.81 -2.30
C ILE A 32 3.76 1.89 -3.42
N GLN A 33 4.65 1.62 -4.37
CA GLN A 33 4.31 0.72 -5.47
C GLN A 33 4.12 -0.68 -4.89
N GLN A 34 5.20 -1.22 -4.33
CA GLN A 34 5.16 -2.54 -3.71
C GLN A 34 4.74 -2.43 -2.25
N LEU A 35 5.13 -1.31 -1.62
CA LEU A 35 4.80 -1.08 -0.21
C LEU A 35 3.31 -1.31 0.04
N SER A 36 2.47 -0.64 -0.73
CA SER A 36 1.03 -0.77 -0.57
C SER A 36 0.57 -2.17 -1.01
N ASN A 37 1.47 -2.88 -1.69
CA ASN A 37 1.17 -4.22 -2.16
C ASN A 37 1.91 -5.27 -1.34
N ALA A 38 2.58 -4.81 -0.29
CA ALA A 38 3.34 -5.73 0.57
C ALA A 38 2.44 -6.86 1.06
N SER A 39 3.07 -7.92 1.56
CA SER A 39 2.31 -9.07 2.05
C SER A 39 1.14 -8.62 2.91
N ILE A 40 0.16 -9.51 3.06
CA ILE A 40 -1.02 -9.20 3.85
C ILE A 40 -0.71 -9.28 5.35
N GLY A 41 0.04 -10.31 5.72
CA GLY A 41 0.41 -10.50 7.13
C GLY A 41 1.20 -9.30 7.64
N GLU A 42 2.05 -8.75 6.78
CA GLU A 42 2.86 -7.60 7.17
C GLU A 42 1.98 -6.37 7.34
N LEU A 43 1.38 -5.91 6.26
CA LEU A 43 0.51 -4.73 6.30
C LEU A 43 -0.62 -4.94 7.30
N GLU A 44 -0.93 -6.20 7.58
CA GLU A 44 -2.01 -6.53 8.52
C GLU A 44 -1.57 -6.25 9.95
N GLN A 45 -0.51 -6.94 10.37
CA GLN A 45 0.01 -6.76 11.71
C GLN A 45 0.60 -5.36 11.85
N VAL A 46 0.47 -4.58 10.79
CA VAL A 46 0.99 -3.22 10.79
C VAL A 46 -0.11 -2.22 11.13
N VAL A 47 -1.25 -2.32 10.46
CA VAL A 47 -2.34 -1.39 10.72
C VAL A 47 -3.68 -2.10 10.86
N GLY A 48 -3.90 -3.10 10.02
CA GLY A 48 -5.16 -3.85 10.08
C GLY A 48 -5.20 -4.97 9.06
N GLN A 49 -5.80 -6.09 9.44
CA GLN A 49 -5.93 -7.22 8.54
C GLN A 49 -6.84 -6.84 7.39
N ALA A 50 -7.86 -6.04 7.69
CA ALA A 50 -8.80 -5.58 6.67
C ALA A 50 -8.12 -4.57 5.77
N VAL A 51 -7.37 -3.65 6.38
CA VAL A 51 -6.65 -2.64 5.63
C VAL A 51 -5.70 -3.31 4.65
N ALA A 52 -4.76 -4.07 5.19
CA ALA A 52 -3.80 -4.78 4.37
C ALA A 52 -4.53 -5.55 3.29
N GLN A 53 -5.76 -5.92 3.58
CA GLN A 53 -6.58 -6.68 2.64
C GLN A 53 -7.19 -5.77 1.57
N GLN A 54 -7.36 -4.49 1.91
CA GLN A 54 -7.92 -3.54 0.96
C GLN A 54 -6.85 -2.99 0.04
N ILE A 55 -5.70 -2.66 0.61
CA ILE A 55 -4.59 -2.11 -0.15
C ILE A 55 -4.09 -3.13 -1.19
N HIS A 56 -3.86 -4.35 -0.73
CA HIS A 56 -3.37 -5.41 -1.61
C HIS A 56 -4.35 -5.64 -2.77
N ALA A 57 -5.64 -5.54 -2.47
CA ALA A 57 -6.67 -5.74 -3.48
C ALA A 57 -6.87 -4.48 -4.31
N PHE A 58 -6.58 -3.33 -3.72
CA PHE A 58 -6.74 -2.06 -4.43
C PHE A 58 -6.17 -2.15 -5.83
N PHE A 59 -4.91 -2.57 -5.93
CA PHE A 59 -4.27 -2.71 -7.22
C PHE A 59 -5.18 -3.43 -8.20
N THR A 60 -5.93 -4.41 -7.70
CA THR A 60 -6.86 -5.16 -8.55
C THR A 60 -7.96 -4.24 -9.06
N GLN A 61 -8.40 -3.33 -8.19
CA GLN A 61 -9.43 -2.38 -8.57
C GLN A 61 -8.89 -0.95 -8.48
N PRO A 62 -8.46 -0.39 -9.58
CA PRO A 62 -7.91 0.99 -9.60
C PRO A 62 -8.97 2.04 -9.29
N ARG A 63 -8.75 2.80 -8.22
CA ARG A 63 -9.69 3.83 -7.81
C ARG A 63 -11.02 3.22 -7.37
N SER A 3 9.54 10.23 -15.44
CA SER A 3 8.68 9.75 -16.50
C SER A 3 7.83 8.58 -16.02
N GLU A 4 8.11 8.10 -14.82
CA GLU A 4 7.37 6.98 -14.25
C GLU A 4 5.87 7.31 -14.20
N PRO A 5 5.04 6.31 -14.31
CA PRO A 5 3.57 6.48 -14.27
C PRO A 5 3.08 7.00 -12.92
N SER A 6 1.83 7.47 -12.88
CA SER A 6 1.26 7.99 -11.65
C SER A 6 0.61 6.88 -10.83
N LEU A 7 0.30 5.77 -11.49
CA LEU A 7 -0.34 4.65 -10.81
C LEU A 7 0.22 4.51 -9.39
N LEU A 8 1.42 5.05 -9.17
CA LEU A 8 2.03 4.99 -7.85
C LEU A 8 1.51 6.12 -6.99
N ARG A 9 1.51 7.32 -7.55
CA ARG A 9 1.00 8.48 -6.83
C ARG A 9 -0.47 8.29 -6.61
N THR A 10 -1.05 7.38 -7.38
CA THR A 10 -2.46 7.07 -7.28
C THR A 10 -2.70 6.02 -6.19
N VAL A 11 -1.67 5.23 -5.91
CA VAL A 11 -1.77 4.19 -4.89
C VAL A 11 -1.61 4.79 -3.50
N GLN A 12 -0.49 5.47 -3.27
CA GLN A 12 -0.24 6.08 -1.97
C GLN A 12 -1.46 6.85 -1.47
N GLN A 13 -2.47 6.96 -2.33
CA GLN A 13 -3.69 7.68 -1.98
C GLN A 13 -4.73 6.70 -1.43
N ILE A 14 -4.34 5.44 -1.30
CA ILE A 14 -5.24 4.41 -0.80
C ILE A 14 -5.48 4.59 0.70
N PRO A 15 -6.72 4.57 1.13
CA PRO A 15 -7.04 4.72 2.57
C PRO A 15 -6.65 3.46 3.34
N GLY A 16 -5.91 3.65 4.43
CA GLY A 16 -5.48 2.50 5.24
C GLY A 16 -3.96 2.42 5.25
N VAL A 17 -3.35 2.47 4.07
CA VAL A 17 -1.90 2.38 3.97
C VAL A 17 -1.25 3.43 4.85
N GLY A 18 -1.86 4.61 4.92
CA GLY A 18 -1.35 5.70 5.73
C GLY A 18 -0.14 6.34 5.04
N LYS A 19 -0.40 7.24 4.11
CA LYS A 19 0.68 7.91 3.41
C LYS A 19 1.76 8.30 4.41
N VAL A 20 1.35 8.34 5.67
CA VAL A 20 2.26 8.67 6.77
C VAL A 20 3.28 7.57 6.95
N LYS A 21 2.79 6.34 7.07
CA LYS A 21 3.66 5.19 7.26
C LYS A 21 4.34 4.81 5.94
N ALA A 22 3.67 5.10 4.83
CA ALA A 22 4.21 4.78 3.52
C ALA A 22 5.74 4.82 3.54
N PRO A 23 6.31 5.97 3.78
CA PRO A 23 7.80 6.13 3.84
C PRO A 23 8.41 5.29 4.95
N LEU A 24 7.69 5.18 6.06
CA LEU A 24 8.16 4.40 7.20
C LEU A 24 8.29 2.94 6.83
N LEU A 25 7.16 2.39 6.38
CA LEU A 25 7.11 0.99 6.01
C LEU A 25 7.91 0.74 4.74
N LEU A 26 8.01 1.78 3.90
CA LEU A 26 8.77 1.66 2.67
C LEU A 26 10.19 1.20 2.96
N GLN A 27 10.76 1.71 4.05
CA GLN A 27 12.12 1.33 4.43
C GLN A 27 12.28 -0.18 4.33
N LYS A 28 11.18 -0.91 4.54
CA LYS A 28 11.22 -2.37 4.46
C LYS A 28 10.69 -2.87 3.12
N PHE A 29 9.96 -2.01 2.41
CA PHE A 29 9.38 -2.40 1.13
C PHE A 29 9.81 -1.43 0.02
N PRO A 30 9.93 -1.91 -1.18
CA PRO A 30 10.35 -1.09 -2.35
C PRO A 30 9.76 0.32 -2.32
N SER A 31 8.48 0.45 -2.68
CA SER A 31 7.85 1.76 -2.68
C SER A 31 6.32 1.62 -2.72
N ILE A 32 5.63 2.74 -2.45
CA ILE A 32 4.18 2.75 -2.43
C ILE A 32 3.61 1.90 -3.56
N GLN A 33 4.46 1.53 -4.51
CA GLN A 33 4.02 0.68 -5.61
C GLN A 33 3.78 -0.72 -5.08
N GLN A 34 4.85 -1.33 -4.56
CA GLN A 34 4.76 -2.66 -3.99
C GLN A 34 4.38 -2.58 -2.51
N LEU A 35 4.82 -1.50 -1.86
CA LEU A 35 4.53 -1.31 -0.44
C LEU A 35 3.05 -1.59 -0.17
N SER A 36 2.18 -0.98 -0.95
CA SER A 36 0.74 -1.16 -0.79
C SER A 36 0.36 -2.63 -1.01
N ASN A 37 1.31 -3.40 -1.53
CA ASN A 37 1.07 -4.82 -1.79
C ASN A 37 1.90 -5.69 -0.84
N ALA A 38 2.59 -5.05 0.10
CA ALA A 38 3.41 -5.78 1.06
C ALA A 38 2.63 -6.96 1.63
N SER A 39 3.35 -7.95 2.15
CA SER A 39 2.71 -9.13 2.72
C SER A 39 1.59 -8.72 3.67
N ILE A 40 0.43 -9.33 3.50
CA ILE A 40 -0.72 -9.03 4.34
C ILE A 40 -0.33 -9.02 5.82
N GLY A 41 0.33 -10.09 6.26
CA GLY A 41 0.77 -10.19 7.65
C GLY A 41 1.40 -8.89 8.13
N GLU A 42 2.23 -8.29 7.30
CA GLU A 42 2.90 -7.05 7.67
C GLU A 42 1.92 -5.88 7.64
N LEU A 43 1.37 -5.60 6.47
CA LEU A 43 0.42 -4.50 6.32
C LEU A 43 -0.73 -4.62 7.33
N GLU A 44 -0.99 -5.85 7.77
CA GLU A 44 -2.07 -6.09 8.73
C GLU A 44 -1.63 -5.72 10.14
N GLN A 45 -0.59 -6.40 10.62
CA GLN A 45 -0.07 -6.12 11.94
C GLN A 45 0.53 -4.74 11.96
N VAL A 46 0.41 -4.04 10.85
CA VAL A 46 0.95 -2.71 10.72
C VAL A 46 -0.15 -1.66 10.81
N VAL A 47 -1.32 -1.95 10.23
CA VAL A 47 -2.41 -0.97 10.27
C VAL A 47 -3.79 -1.61 10.42
N GLY A 48 -4.01 -2.74 9.76
CA GLY A 48 -5.31 -3.40 9.86
C GLY A 48 -5.38 -4.70 9.08
N GLN A 49 -5.99 -5.71 9.69
CA GLN A 49 -6.15 -7.00 9.02
C GLN A 49 -6.92 -6.83 7.73
N ALA A 50 -8.07 -6.18 7.83
CA ALA A 50 -8.90 -5.93 6.65
C ALA A 50 -8.19 -4.94 5.73
N VAL A 51 -7.57 -3.94 6.33
CA VAL A 51 -6.85 -2.92 5.57
C VAL A 51 -5.83 -3.58 4.64
N ALA A 52 -4.90 -4.29 5.24
CA ALA A 52 -3.87 -4.98 4.46
C ALA A 52 -4.53 -5.84 3.39
N GLN A 53 -5.73 -6.29 3.68
CA GLN A 53 -6.47 -7.12 2.74
C GLN A 53 -7.12 -6.29 1.64
N GLN A 54 -7.43 -5.03 1.95
CA GLN A 54 -8.05 -4.15 0.96
C GLN A 54 -6.98 -3.59 0.01
N ILE A 55 -5.94 -3.03 0.58
CA ILE A 55 -4.86 -2.45 -0.20
C ILE A 55 -4.34 -3.46 -1.22
N HIS A 56 -4.34 -4.74 -0.85
CA HIS A 56 -3.87 -5.79 -1.73
C HIS A 56 -4.85 -6.00 -2.88
N ALA A 57 -6.14 -5.98 -2.56
CA ALA A 57 -7.17 -6.19 -3.57
C ALA A 57 -7.49 -4.89 -4.30
N PHE A 58 -7.11 -3.77 -3.69
CA PHE A 58 -7.37 -2.46 -4.30
C PHE A 58 -6.73 -2.35 -5.68
N PHE A 59 -5.41 -2.39 -5.72
CA PHE A 59 -4.69 -2.27 -6.98
C PHE A 59 -4.82 -3.55 -7.81
N THR A 60 -5.50 -4.55 -7.26
CA THR A 60 -5.67 -5.80 -8.00
C THR A 60 -6.56 -5.56 -9.21
N GLN A 61 -7.56 -4.70 -9.04
CA GLN A 61 -8.46 -4.37 -10.15
C GLN A 61 -8.39 -2.87 -10.42
N PRO A 62 -7.62 -2.47 -11.40
CA PRO A 62 -7.49 -1.02 -11.76
C PRO A 62 -8.80 -0.45 -12.29
N ARG A 63 -9.34 0.53 -11.56
CA ARG A 63 -10.60 1.15 -11.95
C ARG A 63 -10.55 2.66 -11.68
N SER A 3 7.71 7.57 -17.89
CA SER A 3 7.82 6.13 -18.14
C SER A 3 6.92 5.35 -17.19
N GLU A 4 7.26 5.36 -15.91
CA GLU A 4 6.47 4.65 -14.92
C GLU A 4 5.08 5.26 -14.79
N PRO A 5 4.08 4.45 -14.56
CA PRO A 5 2.67 4.93 -14.42
C PRO A 5 2.43 5.63 -13.08
N SER A 6 1.42 6.48 -13.04
CA SER A 6 1.09 7.20 -11.81
C SER A 6 0.48 6.25 -10.78
N LEU A 7 0.06 5.08 -11.25
CA LEU A 7 -0.54 4.09 -10.36
C LEU A 7 0.16 4.08 -9.02
N LEU A 8 1.37 4.62 -8.98
CA LEU A 8 2.15 4.69 -7.74
C LEU A 8 1.72 5.90 -6.95
N ARG A 9 1.58 7.03 -7.64
CA ARG A 9 1.15 8.25 -6.99
C ARG A 9 -0.34 8.15 -6.71
N THR A 10 -1.00 7.27 -7.45
CA THR A 10 -2.43 7.06 -7.29
C THR A 10 -2.68 6.03 -6.20
N VAL A 11 -1.78 5.07 -6.07
CA VAL A 11 -1.91 4.01 -5.08
C VAL A 11 -1.66 4.56 -3.68
N GLN A 12 -0.55 5.25 -3.50
CA GLN A 12 -0.20 5.80 -2.20
C GLN A 12 -1.40 6.52 -1.58
N GLN A 13 -2.29 7.02 -2.42
CA GLN A 13 -3.48 7.72 -1.95
C GLN A 13 -4.51 6.72 -1.43
N ILE A 14 -4.11 5.47 -1.34
CA ILE A 14 -5.00 4.43 -0.85
C ILE A 14 -5.27 4.60 0.64
N PRO A 15 -6.53 4.55 1.04
CA PRO A 15 -6.89 4.68 2.48
C PRO A 15 -6.51 3.43 3.26
N GLY A 16 -5.82 3.62 4.36
CA GLY A 16 -5.39 2.49 5.18
C GLY A 16 -3.87 2.44 5.24
N VAL A 17 -3.23 2.50 4.08
CA VAL A 17 -1.77 2.47 4.03
C VAL A 17 -1.18 3.56 4.93
N GLY A 18 -1.75 4.75 4.81
CA GLY A 18 -1.29 5.88 5.61
C GLY A 18 -0.11 6.58 4.92
N LYS A 19 -0.41 7.47 3.99
CA LYS A 19 0.65 8.20 3.29
C LYS A 19 1.71 8.62 4.29
N VAL A 20 1.30 8.65 5.56
CA VAL A 20 2.21 9.02 6.65
C VAL A 20 3.23 7.92 6.87
N LYS A 21 2.72 6.72 7.11
CA LYS A 21 3.58 5.57 7.35
C LYS A 21 4.26 5.14 6.06
N ALA A 22 3.60 5.39 4.93
CA ALA A 22 4.16 5.03 3.64
C ALA A 22 5.69 5.06 3.70
N PRO A 23 6.26 6.21 3.91
CA PRO A 23 7.73 6.38 4.00
C PRO A 23 8.33 5.49 5.09
N LEU A 24 7.69 5.50 6.26
CA LEU A 24 8.14 4.70 7.37
C LEU A 24 8.29 3.24 6.95
N LEU A 25 7.19 2.69 6.48
CA LEU A 25 7.15 1.31 6.05
C LEU A 25 7.91 1.13 4.74
N LEU A 26 8.15 2.24 4.04
CA LEU A 26 8.88 2.19 2.78
C LEU A 26 10.27 1.61 2.99
N GLN A 27 10.82 1.83 4.17
CA GLN A 27 12.15 1.31 4.49
C GLN A 27 12.15 -0.21 4.44
N LYS A 28 10.97 -0.80 4.58
CA LYS A 28 10.85 -2.25 4.56
C LYS A 28 10.44 -2.75 3.17
N PHE A 29 9.82 -1.87 2.38
CA PHE A 29 9.40 -2.24 1.04
C PHE A 29 9.83 -1.19 0.01
N PRO A 30 10.07 -1.60 -1.20
CA PRO A 30 10.51 -0.70 -2.30
C PRO A 30 9.84 0.68 -2.22
N SER A 31 8.57 0.77 -2.63
CA SER A 31 7.86 2.04 -2.60
C SER A 31 6.35 1.83 -2.69
N ILE A 32 5.60 2.91 -2.49
CA ILE A 32 4.14 2.84 -2.54
C ILE A 32 3.69 1.91 -3.66
N GLN A 33 4.60 1.60 -4.57
CA GLN A 33 4.27 0.70 -5.66
C GLN A 33 4.11 -0.70 -5.11
N GLN A 34 5.19 -1.21 -4.51
CA GLN A 34 5.18 -2.53 -3.90
C GLN A 34 4.70 -2.44 -2.46
N LEU A 35 5.05 -1.34 -1.80
CA LEU A 35 4.67 -1.12 -0.41
C LEU A 35 3.19 -1.47 -0.21
N SER A 36 2.34 -0.92 -1.06
CA SER A 36 0.91 -1.17 -0.97
C SER A 36 0.62 -2.65 -1.19
N ASN A 37 1.62 -3.36 -1.71
CA ASN A 37 1.47 -4.78 -1.97
C ASN A 37 2.24 -5.62 -0.94
N ALA A 38 2.68 -4.98 0.13
CA ALA A 38 3.43 -5.67 1.18
C ALA A 38 2.63 -6.89 1.67
N SER A 39 3.35 -7.92 2.10
CA SER A 39 2.70 -9.13 2.58
C SER A 39 1.52 -8.78 3.49
N ILE A 40 0.36 -9.38 3.21
CA ILE A 40 -0.83 -9.12 4.01
C ILE A 40 -0.51 -9.25 5.49
N GLY A 41 0.14 -10.34 5.86
CA GLY A 41 0.50 -10.58 7.26
C GLY A 41 1.20 -9.37 7.85
N GLU A 42 2.01 -8.71 7.04
CA GLU A 42 2.75 -7.53 7.49
C GLU A 42 1.83 -6.31 7.55
N LEU A 43 1.35 -5.89 6.38
CA LEU A 43 0.46 -4.73 6.31
C LEU A 43 -0.70 -4.88 7.30
N GLU A 44 -1.01 -6.13 7.65
CA GLU A 44 -2.10 -6.39 8.58
C GLU A 44 -1.66 -6.15 10.03
N GLN A 45 -0.66 -6.91 10.44
CA GLN A 45 -0.15 -6.78 11.79
C GLN A 45 0.53 -5.41 11.93
N VAL A 46 0.42 -4.63 10.86
CA VAL A 46 1.02 -3.31 10.84
C VAL A 46 -0.03 -2.23 11.00
N VAL A 47 -1.22 -2.42 10.41
CA VAL A 47 -2.26 -1.41 10.53
C VAL A 47 -3.66 -2.02 10.63
N GLY A 48 -3.92 -3.08 9.87
CA GLY A 48 -5.24 -3.71 9.94
C GLY A 48 -5.34 -4.93 9.03
N GLN A 49 -5.99 -5.98 9.53
CA GLN A 49 -6.19 -7.18 8.73
C GLN A 49 -7.06 -6.86 7.53
N ALA A 50 -8.07 -6.04 7.76
CA ALA A 50 -8.97 -5.64 6.68
C ALA A 50 -8.27 -4.66 5.75
N VAL A 51 -7.43 -3.80 6.33
CA VAL A 51 -6.69 -2.83 5.55
C VAL A 51 -5.73 -3.53 4.61
N ALA A 52 -4.79 -4.28 5.18
CA ALA A 52 -3.82 -5.00 4.38
C ALA A 52 -4.53 -5.80 3.31
N GLN A 53 -5.72 -6.27 3.65
CA GLN A 53 -6.52 -7.07 2.72
C GLN A 53 -7.21 -6.17 1.69
N GLN A 54 -7.46 -4.91 2.07
CA GLN A 54 -8.11 -3.97 1.16
C GLN A 54 -7.09 -3.33 0.23
N ILE A 55 -5.89 -3.06 0.75
CA ILE A 55 -4.84 -2.44 -0.05
C ILE A 55 -4.41 -3.39 -1.17
N HIS A 56 -4.26 -4.66 -0.81
CA HIS A 56 -3.86 -5.68 -1.77
C HIS A 56 -4.94 -5.90 -2.81
N ALA A 57 -6.20 -5.80 -2.38
CA ALA A 57 -7.32 -5.99 -3.29
C ALA A 57 -7.70 -4.69 -3.99
N PHE A 58 -7.26 -3.56 -3.43
CA PHE A 58 -7.58 -2.26 -4.00
C PHE A 58 -6.94 -2.10 -5.39
N PHE A 59 -5.62 -2.07 -5.44
CA PHE A 59 -4.91 -1.90 -6.71
C PHE A 59 -4.96 -3.18 -7.53
N THR A 60 -5.62 -4.20 -7.01
CA THR A 60 -5.71 -5.46 -7.73
C THR A 60 -6.54 -5.27 -8.99
N GLN A 61 -7.59 -4.46 -8.89
CA GLN A 61 -8.44 -4.17 -10.03
C GLN A 61 -8.43 -2.66 -10.33
N PRO A 62 -7.62 -2.24 -11.27
CA PRO A 62 -7.53 -0.79 -11.64
C PRO A 62 -8.84 -0.29 -12.26
N ARG A 63 -9.43 0.72 -11.64
CA ARG A 63 -10.67 1.29 -12.13
C ARG A 63 -10.52 1.73 -13.59
N SER A 3 9.03 9.79 -16.63
CA SER A 3 7.90 9.48 -17.51
C SER A 3 7.28 8.14 -17.13
N GLU A 4 7.25 7.87 -15.83
CA GLU A 4 6.67 6.61 -15.34
C GLU A 4 5.19 6.77 -15.07
N PRO A 5 4.49 5.68 -14.91
CA PRO A 5 3.02 5.70 -14.64
C PRO A 5 2.70 6.28 -13.27
N SER A 6 1.46 6.74 -13.10
CA SER A 6 1.04 7.33 -11.84
C SER A 6 0.50 6.26 -10.89
N LEU A 7 0.19 5.08 -11.44
CA LEU A 7 -0.34 3.98 -10.66
C LEU A 7 0.29 3.94 -9.26
N LEU A 8 1.52 4.42 -9.15
CA LEU A 8 2.22 4.43 -7.86
C LEU A 8 1.80 5.67 -7.08
N ARG A 9 1.68 6.79 -7.77
CA ARG A 9 1.24 8.01 -7.13
C ARG A 9 -0.24 7.91 -6.87
N THR A 10 -0.86 6.96 -7.57
CA THR A 10 -2.28 6.71 -7.43
C THR A 10 -2.53 5.74 -6.27
N VAL A 11 -1.67 4.74 -6.17
CA VAL A 11 -1.78 3.74 -5.11
C VAL A 11 -1.54 4.37 -3.74
N GLN A 12 -0.41 5.05 -3.60
CA GLN A 12 -0.08 5.69 -2.32
C GLN A 12 -1.28 6.45 -1.78
N GLN A 13 -2.20 6.82 -2.67
CA GLN A 13 -3.39 7.56 -2.26
C GLN A 13 -4.48 6.58 -1.80
N ILE A 14 -4.09 5.33 -1.64
CA ILE A 14 -5.03 4.29 -1.21
C ILE A 14 -5.42 4.49 0.26
N PRO A 15 -6.68 4.44 0.56
CA PRO A 15 -7.15 4.60 1.97
C PRO A 15 -6.78 3.40 2.82
N GLY A 16 -6.17 3.66 3.97
CA GLY A 16 -5.75 2.59 4.86
C GLY A 16 -4.23 2.54 4.98
N VAL A 17 -3.55 2.58 3.83
CA VAL A 17 -2.09 2.55 3.84
C VAL A 17 -1.53 3.59 4.79
N GLY A 18 -2.08 4.80 4.71
CA GLY A 18 -1.64 5.89 5.57
C GLY A 18 -0.37 6.52 5.00
N LYS A 19 -0.54 7.41 4.04
CA LYS A 19 0.61 8.08 3.44
C LYS A 19 1.58 8.48 4.55
N VAL A 20 1.06 8.51 5.77
CA VAL A 20 1.87 8.86 6.93
C VAL A 20 2.90 7.77 7.18
N LYS A 21 2.46 6.52 7.05
CA LYS A 21 3.34 5.38 7.26
C LYS A 21 4.09 5.02 5.98
N ALA A 22 3.52 5.43 4.85
CA ALA A 22 4.14 5.14 3.56
C ALA A 22 5.66 5.16 3.67
N PRO A 23 6.23 6.27 4.04
CA PRO A 23 7.70 6.42 4.18
C PRO A 23 8.25 5.53 5.29
N LEU A 24 7.47 5.40 6.36
CA LEU A 24 7.87 4.59 7.50
C LEU A 24 8.08 3.14 7.06
N LEU A 25 7.04 2.58 6.48
CA LEU A 25 7.06 1.21 6.01
C LEU A 25 7.89 1.08 4.74
N LEU A 26 7.94 2.16 3.97
CA LEU A 26 8.71 2.16 2.72
C LEU A 26 10.12 1.63 2.96
N GLN A 27 10.55 1.62 4.22
CA GLN A 27 11.89 1.15 4.56
C GLN A 27 11.94 -0.37 4.56
N LYS A 28 10.85 -1.00 5.01
CA LYS A 28 10.80 -2.45 5.05
C LYS A 28 10.42 -3.03 3.68
N PHE A 29 9.84 -2.19 2.83
CA PHE A 29 9.45 -2.62 1.50
C PHE A 29 9.94 -1.62 0.45
N PRO A 30 10.13 -2.07 -0.76
CA PRO A 30 10.62 -1.21 -1.86
C PRO A 30 10.06 0.21 -1.79
N SER A 31 8.80 0.38 -2.19
CA SER A 31 8.16 1.70 -2.15
C SER A 31 6.65 1.58 -2.23
N ILE A 32 5.96 2.69 -1.98
CA ILE A 32 4.50 2.72 -2.01
C ILE A 32 3.98 1.87 -3.15
N GLN A 33 4.86 1.51 -4.07
CA GLN A 33 4.47 0.67 -5.19
C GLN A 33 4.26 -0.76 -4.69
N GLN A 34 5.33 -1.34 -4.15
CA GLN A 34 5.26 -2.69 -3.60
C GLN A 34 4.83 -2.64 -2.14
N LEU A 35 5.10 -1.52 -1.48
CA LEU A 35 4.74 -1.35 -0.08
C LEU A 35 3.25 -1.58 0.13
N SER A 36 2.43 -0.87 -0.64
CA SER A 36 0.98 -1.02 -0.53
C SER A 36 0.56 -2.43 -0.95
N ASN A 37 1.44 -3.09 -1.69
CA ASN A 37 1.18 -4.45 -2.15
C ASN A 37 1.99 -5.44 -1.32
N ALA A 38 2.58 -4.94 -0.24
CA ALA A 38 3.38 -5.78 0.65
C ALA A 38 2.56 -6.95 1.18
N SER A 39 3.25 -7.96 1.70
CA SER A 39 2.58 -9.13 2.25
C SER A 39 1.48 -8.72 3.23
N ILE A 40 0.30 -9.31 3.06
CA ILE A 40 -0.82 -9.00 3.93
C ILE A 40 -0.42 -9.10 5.40
N GLY A 41 0.22 -10.20 5.76
CA GLY A 41 0.66 -10.40 7.14
C GLY A 41 1.37 -9.16 7.66
N GLU A 42 2.29 -8.63 6.86
CA GLU A 42 3.04 -7.45 7.26
C GLU A 42 2.11 -6.24 7.35
N LEU A 43 1.58 -5.82 6.20
CA LEU A 43 0.68 -4.67 6.18
C LEU A 43 -0.40 -4.81 7.25
N GLU A 44 -0.70 -6.05 7.62
CA GLU A 44 -1.73 -6.30 8.63
C GLU A 44 -1.24 -5.93 10.02
N GLN A 45 -0.17 -6.58 10.45
CA GLN A 45 0.39 -6.31 11.76
C GLN A 45 1.03 -4.94 11.76
N VAL A 46 0.82 -4.22 10.66
CA VAL A 46 1.39 -2.88 10.52
C VAL A 46 0.30 -1.81 10.59
N VAL A 47 -0.88 -2.09 10.04
CA VAL A 47 -1.95 -1.09 10.06
C VAL A 47 -3.33 -1.71 10.27
N GLY A 48 -3.59 -2.86 9.66
CA GLY A 48 -4.89 -3.50 9.81
C GLY A 48 -4.98 -4.81 9.06
N GLN A 49 -5.57 -5.81 9.71
CA GLN A 49 -5.75 -7.12 9.09
C GLN A 49 -6.67 -6.97 7.88
N ALA A 50 -7.77 -6.26 8.08
CA ALA A 50 -8.74 -6.03 7.01
C ALA A 50 -8.18 -5.00 6.04
N VAL A 51 -7.35 -4.10 6.56
CA VAL A 51 -6.75 -3.06 5.73
C VAL A 51 -5.75 -3.68 4.76
N ALA A 52 -4.73 -4.33 5.31
CA ALA A 52 -3.71 -4.97 4.49
C ALA A 52 -4.39 -5.80 3.39
N GLN A 53 -5.56 -6.32 3.72
CA GLN A 53 -6.31 -7.13 2.78
C GLN A 53 -7.04 -6.26 1.76
N GLN A 54 -7.36 -5.03 2.16
CA GLN A 54 -8.06 -4.10 1.29
C GLN A 54 -7.07 -3.38 0.37
N ILE A 55 -5.87 -3.12 0.89
CA ILE A 55 -4.85 -2.43 0.11
C ILE A 55 -4.36 -3.30 -1.04
N HIS A 56 -4.33 -4.60 -0.80
CA HIS A 56 -3.86 -5.54 -1.82
C HIS A 56 -4.89 -5.68 -2.94
N ALA A 57 -6.16 -5.75 -2.56
CA ALA A 57 -7.23 -5.90 -3.56
C ALA A 57 -7.49 -4.58 -4.28
N PHE A 58 -7.25 -3.47 -3.58
CA PHE A 58 -7.48 -2.15 -4.16
C PHE A 58 -6.79 -2.02 -5.51
N PHE A 59 -5.57 -2.55 -5.62
CA PHE A 59 -4.82 -2.49 -6.87
C PHE A 59 -5.71 -2.89 -8.04
N THR A 60 -6.81 -3.59 -7.74
CA THR A 60 -7.72 -4.03 -8.80
C THR A 60 -8.58 -2.87 -9.27
N GLN A 61 -8.96 -1.99 -8.34
CA GLN A 61 -9.79 -0.84 -8.69
C GLN A 61 -9.05 0.45 -8.38
N PRO A 62 -8.44 1.05 -9.38
CA PRO A 62 -7.70 2.33 -9.20
C PRO A 62 -8.64 3.52 -9.11
N ARG A 63 -8.66 4.16 -7.95
CA ARG A 63 -9.51 5.32 -7.74
C ARG A 63 -8.70 6.52 -7.27
N SER A 3 -2.67 9.97 -19.08
CA SER A 3 -1.75 8.90 -19.45
C SER A 3 -0.55 8.87 -18.51
N GLU A 4 -0.35 9.96 -17.77
CA GLU A 4 0.77 10.05 -16.84
C GLU A 4 0.79 8.83 -15.92
N PRO A 5 1.97 8.36 -15.57
CA PRO A 5 2.13 7.19 -14.67
C PRO A 5 1.80 7.53 -13.22
N SER A 6 0.55 7.89 -12.96
CA SER A 6 0.13 8.24 -11.61
C SER A 6 -0.23 6.99 -10.82
N LEU A 7 -0.54 5.91 -11.53
CA LEU A 7 -0.91 4.65 -10.89
C LEU A 7 -0.16 4.47 -9.58
N LEU A 8 1.06 5.00 -9.51
CA LEU A 8 1.86 4.89 -8.30
C LEU A 8 1.48 5.98 -7.31
N ARG A 9 1.38 7.20 -7.81
CA ARG A 9 1.00 8.32 -6.98
C ARG A 9 -0.47 8.17 -6.61
N THR A 10 -1.16 7.34 -7.39
CA THR A 10 -2.56 7.07 -7.17
C THR A 10 -2.73 5.95 -6.15
N VAL A 11 -1.72 5.10 -6.06
CA VAL A 11 -1.75 3.98 -5.12
C VAL A 11 -1.39 4.45 -3.72
N GLN A 12 -0.32 5.25 -3.62
CA GLN A 12 0.11 5.75 -2.32
C GLN A 12 -1.04 6.44 -1.61
N GLN A 13 -2.12 6.69 -2.33
CA GLN A 13 -3.29 7.36 -1.75
C GLN A 13 -4.32 6.31 -1.33
N ILE A 14 -3.97 5.04 -1.47
CA ILE A 14 -4.89 3.96 -1.10
C ILE A 14 -5.31 4.10 0.37
N PRO A 15 -6.58 4.33 0.63
CA PRO A 15 -7.09 4.46 2.01
C PRO A 15 -6.65 3.27 2.88
N GLY A 16 -6.08 3.57 4.04
CA GLY A 16 -5.61 2.52 4.94
C GLY A 16 -4.09 2.52 5.01
N VAL A 17 -3.45 2.59 3.85
CA VAL A 17 -1.99 2.59 3.80
C VAL A 17 -1.43 3.60 4.78
N GLY A 18 -1.87 4.85 4.65
CA GLY A 18 -1.42 5.92 5.52
C GLY A 18 -0.10 6.49 5.00
N LYS A 19 -0.20 7.39 4.03
CA LYS A 19 1.01 8.00 3.48
C LYS A 19 1.96 8.34 4.61
N VAL A 20 1.41 8.42 5.81
CA VAL A 20 2.19 8.71 7.00
C VAL A 20 3.19 7.60 7.26
N LYS A 21 2.72 6.37 7.08
CA LYS A 21 3.57 5.21 7.30
C LYS A 21 4.37 4.88 6.05
N ALA A 22 3.79 5.17 4.89
CA ALA A 22 4.47 4.89 3.62
C ALA A 22 5.98 4.96 3.79
N PRO A 23 6.51 6.10 4.10
CA PRO A 23 7.97 6.29 4.29
C PRO A 23 8.51 5.43 5.43
N LEU A 24 7.67 5.24 6.45
CA LEU A 24 8.05 4.41 7.59
C LEU A 24 8.19 2.96 7.16
N LEU A 25 7.10 2.46 6.61
CA LEU A 25 7.06 1.08 6.14
C LEU A 25 7.89 0.93 4.87
N LEU A 26 8.20 2.06 4.23
CA LEU A 26 8.99 2.04 3.02
C LEU A 26 10.29 1.25 3.21
N GLN A 27 11.06 1.64 4.23
CA GLN A 27 12.31 0.94 4.50
C GLN A 27 12.11 -0.57 4.51
N LYS A 28 10.88 -0.99 4.77
CA LYS A 28 10.57 -2.42 4.79
C LYS A 28 10.18 -2.92 3.39
N PHE A 29 9.85 -1.98 2.51
CA PHE A 29 9.46 -2.35 1.14
C PHE A 29 9.86 -1.27 0.14
N PRO A 30 10.22 -1.66 -1.05
CA PRO A 30 10.65 -0.72 -2.11
C PRO A 30 9.95 0.64 -2.03
N SER A 31 8.70 0.71 -2.49
CA SER A 31 7.97 1.96 -2.45
C SER A 31 6.47 1.72 -2.62
N ILE A 32 5.69 2.79 -2.51
CA ILE A 32 4.23 2.69 -2.65
C ILE A 32 3.86 1.72 -3.76
N GLN A 33 4.84 1.37 -4.59
CA GLN A 33 4.61 0.42 -5.65
C GLN A 33 4.37 -0.96 -5.04
N GLN A 34 5.39 -1.46 -4.36
CA GLN A 34 5.28 -2.75 -3.70
C GLN A 34 4.74 -2.56 -2.28
N LEU A 35 5.09 -1.44 -1.66
CA LEU A 35 4.64 -1.15 -0.30
C LEU A 35 3.15 -1.45 -0.17
N SER A 36 2.36 -0.88 -1.08
CA SER A 36 0.92 -1.08 -1.04
C SER A 36 0.58 -2.54 -1.34
N ASN A 37 1.61 -3.34 -1.63
CA ASN A 37 1.40 -4.75 -1.92
C ASN A 37 2.21 -5.62 -0.96
N ALA A 38 2.86 -4.99 0.01
CA ALA A 38 3.66 -5.71 0.99
C ALA A 38 2.86 -6.88 1.57
N SER A 39 3.56 -7.82 2.17
CA SER A 39 2.91 -9.00 2.76
C SER A 39 1.70 -8.57 3.60
N ILE A 40 0.63 -9.34 3.51
CA ILE A 40 -0.59 -9.04 4.28
C ILE A 40 -0.30 -9.09 5.78
N GLY A 41 0.36 -10.16 6.21
CA GLY A 41 0.70 -10.31 7.62
C GLY A 41 1.40 -9.08 8.17
N GLU A 42 2.11 -8.37 7.29
CA GLU A 42 2.83 -7.17 7.68
C GLU A 42 1.89 -5.97 7.73
N LEU A 43 1.37 -5.59 6.57
CA LEU A 43 0.47 -4.44 6.49
C LEU A 43 -0.68 -4.59 7.49
N GLU A 44 -1.05 -5.84 7.77
CA GLU A 44 -2.15 -6.10 8.70
C GLU A 44 -1.73 -5.81 10.14
N GLN A 45 -0.72 -6.53 10.60
CA GLN A 45 -0.22 -6.33 11.96
C GLN A 45 0.42 -4.96 12.07
N VAL A 46 0.33 -4.21 10.98
CA VAL A 46 0.92 -2.88 10.95
C VAL A 46 -0.15 -1.79 10.96
N VAL A 47 -1.28 -2.04 10.30
CA VAL A 47 -2.32 -1.02 10.28
C VAL A 47 -3.73 -1.61 10.35
N GLY A 48 -3.97 -2.72 9.67
CA GLY A 48 -5.29 -3.34 9.72
C GLY A 48 -5.37 -4.61 8.89
N GLN A 49 -6.03 -5.62 9.43
CA GLN A 49 -6.20 -6.88 8.72
C GLN A 49 -7.03 -6.64 7.46
N ALA A 50 -8.10 -5.85 7.62
CA ALA A 50 -8.96 -5.53 6.50
C ALA A 50 -8.23 -4.59 5.54
N VAL A 51 -7.39 -3.74 6.12
CA VAL A 51 -6.61 -2.80 5.32
C VAL A 51 -5.62 -3.54 4.45
N ALA A 52 -4.72 -4.26 5.10
CA ALA A 52 -3.71 -5.04 4.38
C ALA A 52 -4.39 -5.90 3.33
N GLN A 53 -5.63 -6.28 3.62
CA GLN A 53 -6.41 -7.11 2.72
C GLN A 53 -7.04 -6.26 1.62
N GLN A 54 -7.30 -5.00 1.92
CA GLN A 54 -7.91 -4.11 0.94
C GLN A 54 -6.84 -3.50 0.04
N ILE A 55 -5.73 -3.08 0.63
CA ILE A 55 -4.64 -2.49 -0.15
C ILE A 55 -4.14 -3.48 -1.20
N HIS A 56 -4.02 -4.74 -0.81
CA HIS A 56 -3.55 -5.77 -1.73
C HIS A 56 -4.57 -6.01 -2.84
N ALA A 57 -5.84 -6.05 -2.48
CA ALA A 57 -6.90 -6.28 -3.46
C ALA A 57 -7.34 -4.97 -4.11
N PHE A 58 -7.02 -3.85 -3.47
CA PHE A 58 -7.39 -2.54 -4.00
C PHE A 58 -6.94 -2.39 -5.44
N PHE A 59 -5.65 -2.56 -5.68
CA PHE A 59 -5.10 -2.42 -7.04
C PHE A 59 -5.45 -3.62 -7.90
N THR A 60 -6.45 -4.40 -7.49
CA THR A 60 -6.86 -5.56 -8.27
C THR A 60 -7.55 -5.13 -9.54
N GLN A 61 -8.35 -4.06 -9.44
CA GLN A 61 -9.06 -3.53 -10.60
C GLN A 61 -8.62 -2.09 -10.88
N PRO A 62 -7.71 -1.90 -11.79
CA PRO A 62 -7.21 -0.54 -12.16
C PRO A 62 -8.25 0.25 -12.95
N ARG A 63 -8.74 1.32 -12.35
CA ARG A 63 -9.74 2.16 -13.00
C ARG A 63 -9.30 3.62 -13.01
#